data_6GHA
#
_entry.id   6GHA
#
_cell.length_a   48.505
_cell.length_b   62.621
_cell.length_c   62.043
_cell.angle_alpha   90.000
_cell.angle_beta   104.970
_cell.angle_gamma   90.000
#
_symmetry.space_group_name_H-M   'P 1 21 1'
#
loop_
_entity.id
_entity.type
_entity.pdbx_description
1 polymer 'Ubiquitin carboxyl-terminal hydrolase 15,Ubiquitin carboxyl-terminal hydrolase 15'
2 non-polymer 'ZINC ION'
3 water water
#
_entity_poly.entity_id   1
_entity_poly.type   'polypeptide(L)'
_entity_poly.pdbx_seq_one_letter_code
;MEQPGLCGLSNLGNTCFMNSAIQCLSNTPPLTEYFLNDKYQEELNFDNPLGMRGEIAKSYAELIKQMWSGKFSYVTPRAF
KTQVGRFAPQFSGYQQQDCQELLAFLLDGLHEDLNRIRKKPYIQLKDADGRPDKVVAEEAWENHLKRNDSIIVDIFHGLF
KSTLVCPECAKISVTFDPFCYLTLPLASTSKVKLKDCIELFTTKEKLGAEDPWYCPNCKEHQQATKKLDLWSLPPVLVVH
LKRFSYSRYMRDKLDTLVDFPINDLDMSEFLINPNAGPCRYNLIAVSNHYGGMGGGHYTAFAKNKDDGKWYYFDDSSVST
ASEDQIVSKAAYVLFYQRQDTFSGTGFFPLDRETAAALEHHHHHH
;
_entity_poly.pdbx_strand_id   A
#
loop_
_chem_comp.id
_chem_comp.type
_chem_comp.name
_chem_comp.formula
ZN non-polymer 'ZINC ION' 'Zn 2'
#
# COMPACT_ATOMS: atom_id res chain seq x y z
N GLU A 2 -24.35 -3.61 17.97
CA GLU A 2 -23.47 -2.86 17.09
C GLU A 2 -23.07 -3.67 15.85
N GLN A 3 -23.03 -3.02 14.69
CA GLN A 3 -22.69 -3.76 13.48
C GLN A 3 -21.18 -4.01 13.43
N PRO A 4 -20.75 -5.25 13.23
CA PRO A 4 -19.32 -5.53 13.13
C PRO A 4 -18.64 -4.64 12.10
N GLY A 5 -17.43 -4.17 12.45
CA GLY A 5 -16.67 -3.29 11.59
C GLY A 5 -17.03 -1.84 11.71
N LEU A 6 -18.23 -1.50 12.20
CA LEU A 6 -18.64 -0.12 12.44
C LEU A 6 -18.17 0.31 13.83
N CYS A 7 -16.86 0.31 13.99
CA CYS A 7 -16.23 0.48 15.29
C CYS A 7 -15.15 1.54 15.16
N GLY A 8 -15.21 2.55 16.02
CA GLY A 8 -14.26 3.63 15.99
C GLY A 8 -12.98 3.30 16.73
N LEU A 9 -12.08 4.27 16.75
CA LEU A 9 -10.80 4.12 17.45
C LEU A 9 -10.53 5.37 18.26
N SER A 10 -10.30 5.22 19.56
CA SER A 10 -10.04 6.39 20.37
C SER A 10 -8.71 7.03 20.01
N ASN A 11 -8.61 8.34 20.23
CA ASN A 11 -7.39 9.06 19.99
C ASN A 11 -6.51 8.96 21.24
N LEU A 12 -5.43 8.20 21.14
CA LEU A 12 -4.51 8.11 22.27
C LEU A 12 -3.81 9.44 22.51
N GLY A 13 -3.55 10.18 21.44
CA GLY A 13 -2.80 11.40 21.56
C GLY A 13 -1.82 11.52 20.41
N ASN A 14 -2.13 12.43 19.48
CA ASN A 14 -1.37 12.61 18.24
C ASN A 14 -1.44 11.29 17.50
N THR A 15 -0.33 10.59 17.29
CA THR A 15 -0.20 9.31 16.59
C THR A 15 -0.43 9.44 15.09
N CYS A 16 -0.44 10.66 14.54
CA CYS A 16 -0.40 10.88 13.09
C CYS A 16 -1.65 10.24 12.48
N PHE A 17 -1.54 9.45 11.41
CA PHE A 17 -2.75 8.90 10.83
C PHE A 17 -2.94 7.43 11.16
N MET A 18 -2.51 7.01 12.37
CA MET A 18 -2.62 5.61 12.71
C MET A 18 -4.07 5.13 12.64
N ASN A 19 -5.00 5.84 13.32
CA ASN A 19 -6.39 5.39 13.29
C ASN A 19 -6.93 5.36 11.86
N SER A 20 -6.61 6.39 11.08
CA SER A 20 -7.04 6.45 9.68
C SER A 20 -6.51 5.25 8.90
N ALA A 21 -5.24 4.91 9.12
CA ALA A 21 -4.64 3.76 8.42
C ALA A 21 -5.25 2.45 8.89
N ILE A 22 -5.49 2.31 10.19
CA ILE A 22 -6.10 1.09 10.71
C ILE A 22 -7.49 0.92 10.11
N GLN A 23 -8.23 2.02 9.92
CA GLN A 23 -9.56 1.88 9.37
C GLN A 23 -9.51 1.45 7.91
N CYS A 24 -8.56 1.98 7.14
CA CYS A 24 -8.41 1.49 5.76
C CYS A 24 -8.03 0.00 5.75
N LEU A 25 -7.10 -0.42 6.62
CA LEU A 25 -6.67 -1.82 6.65
C LEU A 25 -7.79 -2.72 7.18
N SER A 26 -8.55 -2.23 8.15
CA SER A 26 -9.67 -2.99 8.69
C SER A 26 -10.72 -3.27 7.64
N ASN A 27 -10.93 -2.33 6.72
CA ASN A 27 -11.89 -2.48 5.64
C ASN A 27 -11.22 -2.92 4.34
N THR A 28 -10.07 -3.58 4.46
CA THR A 28 -9.49 -4.38 3.38
C THR A 28 -9.93 -5.82 3.59
N PRO A 29 -10.92 -6.30 2.85
CA PRO A 29 -11.60 -7.56 3.20
C PRO A 29 -10.66 -8.76 3.30
N PRO A 30 -9.76 -9.01 2.34
CA PRO A 30 -8.91 -10.21 2.47
C PRO A 30 -8.03 -10.19 3.72
N LEU A 31 -7.58 -9.02 4.15
CA LEU A 31 -6.76 -8.94 5.36
C LEU A 31 -7.58 -9.25 6.61
N THR A 32 -8.73 -8.59 6.76
CA THR A 32 -9.58 -8.82 7.93
C THR A 32 -10.09 -10.26 7.97
N GLU A 33 -10.48 -10.82 6.83
N GLU A 33 -10.48 -10.82 6.83
CA GLU A 33 -10.91 -12.22 6.79
CA GLU A 33 -10.91 -12.22 6.82
C GLU A 33 -9.78 -13.16 7.21
C GLU A 33 -9.78 -13.15 7.23
N TYR A 34 -8.54 -12.86 6.81
CA TYR A 34 -7.41 -13.68 7.23
C TYR A 34 -7.31 -13.71 8.75
N PHE A 35 -7.48 -12.56 9.40
CA PHE A 35 -7.37 -12.54 10.87
C PHE A 35 -8.61 -13.11 11.57
N LEU A 36 -9.81 -12.78 11.12
CA LEU A 36 -11.00 -13.29 11.80
C LEU A 36 -11.14 -14.80 11.66
N ASN A 37 -10.63 -15.38 10.57
CA ASN A 37 -10.64 -16.83 10.42
C ASN A 37 -9.45 -17.50 11.10
N ASP A 38 -8.63 -16.74 11.82
CA ASP A 38 -7.51 -17.29 12.60
C ASP A 38 -6.45 -17.95 11.73
N LYS A 39 -6.28 -17.49 10.49
CA LYS A 39 -5.26 -18.10 9.66
C LYS A 39 -3.86 -17.63 10.02
N TYR A 40 -3.72 -16.62 10.88
CA TYR A 40 -2.42 -16.04 11.19
C TYR A 40 -1.62 -16.84 12.22
N GLN A 41 -2.29 -17.68 13.03
CA GLN A 41 -1.57 -18.41 14.08
C GLN A 41 -0.54 -19.36 13.49
N GLU A 42 -0.88 -20.06 12.40
CA GLU A 42 0.07 -20.99 11.82
C GLU A 42 1.18 -20.30 11.05
N GLU A 43 1.13 -18.98 10.90
CA GLU A 43 2.09 -18.26 10.11
C GLU A 43 2.85 -17.22 10.93
N LEU A 44 2.57 -17.08 12.22
CA LEU A 44 3.37 -16.20 13.05
C LEU A 44 4.83 -16.61 12.97
N ASN A 45 5.70 -15.65 12.73
CA ASN A 45 7.15 -15.89 12.66
C ASN A 45 7.77 -15.33 13.94
N PHE A 46 8.22 -16.23 14.83
CA PHE A 46 8.75 -15.83 16.12
C PHE A 46 10.25 -15.56 16.14
N ASP A 47 11.00 -15.85 15.07
CA ASP A 47 12.46 -15.74 15.12
C ASP A 47 13.02 -14.92 13.97
N ASN A 48 12.24 -13.98 13.46
CA ASN A 48 12.62 -13.15 12.34
C ASN A 48 13.45 -11.96 12.84
N PRO A 49 14.70 -11.81 12.42
CA PRO A 49 15.48 -10.64 12.86
C PRO A 49 14.90 -9.31 12.39
N LEU A 50 14.03 -9.33 11.39
CA LEU A 50 13.35 -8.14 10.91
C LEU A 50 11.98 -7.94 11.55
N GLY A 51 11.52 -8.85 12.39
CA GLY A 51 10.17 -8.81 12.92
C GLY A 51 10.13 -8.55 14.42
N MET A 52 8.93 -8.65 14.96
CA MET A 52 8.66 -8.35 16.36
C MET A 52 8.33 -9.62 17.15
N ARG A 53 8.78 -10.77 16.67
CA ARG A 53 8.45 -12.05 17.28
C ARG A 53 6.93 -12.29 17.30
N GLY A 54 6.24 -11.80 16.26
CA GLY A 54 4.81 -11.96 16.13
C GLY A 54 3.96 -10.91 16.84
N GLU A 55 4.56 -10.03 17.65
CA GLU A 55 3.78 -9.18 18.55
C GLU A 55 2.97 -8.13 17.82
N ILE A 56 3.42 -7.68 16.65
CA ILE A 56 2.63 -6.74 15.87
C ILE A 56 1.43 -7.44 15.24
N ALA A 57 1.66 -8.61 14.64
CA ALA A 57 0.57 -9.38 14.06
C ALA A 57 -0.46 -9.80 15.12
N LYS A 58 0.01 -10.19 16.30
CA LYS A 58 -0.92 -10.64 17.33
C LYS A 58 -1.72 -9.47 17.91
N SER A 59 -1.05 -8.33 18.15
CA SER A 59 -1.81 -7.20 18.66
C SER A 59 -2.78 -6.68 17.60
N TYR A 60 -2.37 -6.67 16.32
CA TYR A 60 -3.28 -6.28 15.26
C TYR A 60 -4.45 -7.25 15.13
N ALA A 61 -4.20 -8.55 15.29
CA ALA A 61 -5.26 -9.54 15.20
C ALA A 61 -6.27 -9.36 16.31
N GLU A 62 -5.80 -9.16 17.55
N GLU A 62 -5.80 -9.17 17.55
CA GLU A 62 -6.74 -8.93 18.64
CA GLU A 62 -6.70 -8.90 18.67
C GLU A 62 -7.55 -7.65 18.41
C GLU A 62 -7.55 -7.67 18.40
N LEU A 63 -6.91 -6.60 17.92
CA LEU A 63 -7.64 -5.37 17.60
C LEU A 63 -8.72 -5.60 16.54
N ILE A 64 -8.36 -6.24 15.41
CA ILE A 64 -9.32 -6.53 14.36
C ILE A 64 -10.48 -7.36 14.91
N LYS A 65 -10.17 -8.35 15.74
CA LYS A 65 -11.22 -9.20 16.28
C LYS A 65 -12.19 -8.36 17.12
N GLN A 66 -11.65 -7.47 17.93
CA GLN A 66 -12.49 -6.55 18.68
C GLN A 66 -13.38 -5.71 17.76
N MET A 67 -12.79 -5.14 16.70
CA MET A 67 -13.52 -4.21 15.86
C MET A 67 -14.65 -4.89 15.09
N TRP A 68 -14.49 -6.18 14.78
CA TRP A 68 -15.51 -6.93 14.04
C TRP A 68 -16.29 -7.89 14.94
N SER A 69 -16.16 -7.78 16.26
CA SER A 69 -17.02 -8.55 17.15
C SER A 69 -18.44 -8.00 17.23
N GLY A 70 -18.64 -6.72 16.94
CA GLY A 70 -19.96 -6.14 17.13
C GLY A 70 -20.29 -5.83 18.58
N LYS A 71 -19.30 -5.86 19.47
CA LYS A 71 -19.49 -5.57 20.88
C LYS A 71 -19.14 -4.15 21.24
N PHE A 72 -18.48 -3.41 20.34
CA PHE A 72 -17.93 -2.11 20.66
C PHE A 72 -18.38 -1.07 19.67
N SER A 73 -18.73 0.11 20.19
CA SER A 73 -18.88 1.28 19.35
C SER A 73 -17.51 1.86 18.99
N TYR A 74 -16.52 1.72 19.88
CA TYR A 74 -15.15 2.05 19.54
C TYR A 74 -14.23 1.36 20.53
N VAL A 75 -12.96 1.25 20.16
CA VAL A 75 -11.96 0.58 20.98
C VAL A 75 -10.70 1.41 21.00
N THR A 76 -9.82 1.05 21.89
CA THR A 76 -8.53 1.74 21.91
C THR A 76 -7.47 0.87 21.27
N PRO A 77 -6.73 1.42 20.33
CA PRO A 77 -5.67 0.65 19.66
C PRO A 77 -4.33 0.75 20.38
N ARG A 78 -4.36 0.74 21.71
CA ARG A 78 -3.19 1.11 22.52
C ARG A 78 -2.09 0.07 22.46
N ALA A 79 -2.44 -1.21 22.68
CA ALA A 79 -1.43 -2.27 22.65
C ALA A 79 -0.77 -2.34 21.28
N PHE A 80 -1.58 -2.27 20.22
CA PHE A 80 -1.06 -2.30 18.86
C PHE A 80 -0.15 -1.10 18.60
N LYS A 81 -0.52 0.07 19.10
CA LYS A 81 0.36 1.24 18.94
C LYS A 81 1.68 1.04 19.66
N THR A 82 1.65 0.46 20.87
CA THR A 82 2.89 0.19 21.60
C THR A 82 3.81 -0.71 20.78
N GLN A 83 3.25 -1.76 20.17
CA GLN A 83 4.09 -2.67 19.39
C GLN A 83 4.61 -2.01 18.12
N VAL A 84 3.77 -1.22 17.44
CA VAL A 84 4.21 -0.52 16.25
C VAL A 84 5.33 0.46 16.60
N GLY A 85 5.23 1.11 17.76
CA GLY A 85 6.28 2.03 18.17
C GLY A 85 7.58 1.35 18.52
N ARG A 86 7.52 0.09 18.93
CA ARG A 86 8.77 -0.66 19.13
C ARG A 86 9.38 -1.07 17.80
N PHE A 87 8.54 -1.38 16.81
CA PHE A 87 9.02 -1.71 15.47
C PHE A 87 9.65 -0.51 14.78
N ALA A 88 9.07 0.69 14.99
CA ALA A 88 9.48 1.89 14.27
C ALA A 88 9.48 3.09 15.23
N PRO A 89 10.66 3.55 15.66
CA PRO A 89 10.85 4.64 16.63
C PRO A 89 10.03 5.91 16.36
N GLU A 101 6.46 7.58 6.03
CA GLU A 101 5.04 7.33 6.21
C GLU A 101 4.78 6.06 7.00
N LEU A 102 3.78 6.14 7.88
CA LEU A 102 3.48 5.04 8.79
C LEU A 102 3.00 3.79 8.05
N LEU A 103 2.34 3.96 6.90
CA LEU A 103 1.74 2.82 6.22
C LEU A 103 2.78 1.78 5.81
N ALA A 104 3.91 2.25 5.27
CA ALA A 104 5.00 1.33 4.92
C ALA A 104 5.43 0.54 6.14
N PHE A 105 5.53 1.19 7.30
CA PHE A 105 5.93 0.49 8.51
C PHE A 105 4.87 -0.50 8.98
N LEU A 106 3.59 -0.14 8.91
CA LEU A 106 2.54 -1.07 9.29
C LEU A 106 2.57 -2.31 8.41
N LEU A 107 2.60 -2.12 7.10
CA LEU A 107 2.59 -3.27 6.20
C LEU A 107 3.86 -4.09 6.37
N ASP A 108 5.01 -3.44 6.57
CA ASP A 108 6.27 -4.15 6.76
C ASP A 108 6.28 -4.94 8.06
N GLY A 109 5.74 -4.38 9.14
CA GLY A 109 5.73 -5.08 10.42
C GLY A 109 4.80 -6.28 10.41
N LEU A 110 3.60 -6.12 9.85
CA LEU A 110 2.72 -7.29 9.66
C LEU A 110 3.40 -8.33 8.78
N HIS A 111 3.96 -7.89 7.64
CA HIS A 111 4.60 -8.82 6.72
C HIS A 111 5.67 -9.64 7.42
N GLU A 112 6.59 -8.97 8.13
CA GLU A 112 7.68 -9.75 8.72
C GLU A 112 7.19 -10.62 9.86
N ASP A 113 6.19 -10.16 10.63
CA ASP A 113 5.62 -11.01 11.66
C ASP A 113 4.90 -12.23 11.09
N LEU A 114 4.55 -12.20 9.80
CA LEU A 114 3.84 -13.32 9.16
C LEU A 114 4.63 -13.91 7.99
N ASN A 115 5.94 -13.69 7.94
CA ASN A 115 6.70 -14.12 6.78
C ASN A 115 6.88 -15.64 6.82
N ARG A 116 6.42 -16.32 5.76
CA ARG A 116 6.52 -17.76 5.69
C ARG A 116 7.94 -18.24 5.47
N ILE A 117 8.85 -17.33 5.11
CA ILE A 117 10.26 -17.66 4.95
C ILE A 117 10.94 -17.56 6.30
N ARG A 118 11.63 -18.62 6.71
CA ARG A 118 12.26 -18.68 8.02
C ARG A 118 13.64 -18.02 8.03
N LYS A 119 14.46 -18.23 6.99
CA LYS A 119 15.77 -17.61 6.89
C LYS A 119 15.95 -17.09 5.47
N LYS A 120 16.04 -15.76 5.33
CA LYS A 120 16.09 -15.14 4.00
C LYS A 120 17.42 -15.44 3.35
N PRO A 121 17.44 -16.01 2.14
CA PRO A 121 18.72 -16.23 1.45
C PRO A 121 19.25 -14.94 0.88
N TYR A 122 20.57 -14.83 0.82
CA TYR A 122 21.17 -13.75 0.06
C TYR A 122 20.91 -13.99 -1.42
N ILE A 123 20.44 -12.95 -2.11
CA ILE A 123 20.13 -13.05 -3.54
C ILE A 123 20.87 -11.95 -4.29
N GLN A 124 21.61 -12.33 -5.32
CA GLN A 124 22.26 -11.37 -6.21
C GLN A 124 21.26 -10.95 -7.28
N LEU A 125 20.97 -9.65 -7.35
CA LEU A 125 20.00 -9.11 -8.30
C LEU A 125 20.74 -8.75 -9.59
N LYS A 126 20.54 -9.55 -10.63
CA LYS A 126 21.18 -9.31 -11.91
C LYS A 126 20.50 -8.14 -12.62
N ASP A 127 21.30 -7.33 -13.31
CA ASP A 127 20.73 -6.35 -14.21
C ASP A 127 20.10 -7.08 -15.39
N ALA A 128 19.21 -6.37 -16.09
CA ALA A 128 18.45 -7.00 -17.18
C ALA A 128 19.38 -7.72 -18.16
N ASP A 129 20.54 -7.14 -18.47
CA ASP A 129 21.50 -7.73 -19.42
C ASP A 129 20.85 -7.95 -20.79
N GLY A 130 20.00 -7.01 -21.20
CA GLY A 130 19.31 -7.15 -22.47
C GLY A 130 18.35 -8.30 -22.58
N ARG A 131 18.12 -9.05 -21.50
CA ARG A 131 17.11 -10.10 -21.51
C ARG A 131 15.72 -9.45 -21.63
N PRO A 132 14.72 -10.22 -22.07
CA PRO A 132 13.37 -9.65 -22.17
C PRO A 132 12.82 -9.26 -20.81
N ASP A 133 11.94 -8.25 -20.81
CA ASP A 133 11.28 -7.81 -19.58
C ASP A 133 10.59 -8.96 -18.89
N LYS A 134 9.90 -9.83 -19.63
CA LYS A 134 9.17 -10.90 -18.95
C LYS A 134 10.11 -11.77 -18.14
N VAL A 135 11.24 -12.17 -18.75
CA VAL A 135 12.21 -13.01 -18.05
C VAL A 135 12.72 -12.30 -16.80
N VAL A 136 13.10 -11.04 -16.95
CA VAL A 136 13.72 -10.31 -15.85
C VAL A 136 12.71 -10.10 -14.73
N ALA A 137 11.46 -9.82 -15.08
CA ALA A 137 10.41 -9.55 -14.09
C ALA A 137 10.03 -10.81 -13.34
N GLU A 138 9.89 -11.93 -14.04
CA GLU A 138 9.58 -13.17 -13.35
C GLU A 138 10.72 -13.58 -12.42
N GLU A 139 11.96 -13.35 -12.85
CA GLU A 139 13.11 -13.59 -11.97
C GLU A 139 13.04 -12.71 -10.72
N ALA A 140 12.76 -11.43 -10.91
CA ALA A 140 12.66 -10.52 -9.77
C ALA A 140 11.56 -10.94 -8.81
N TRP A 141 10.41 -11.36 -9.35
CA TRP A 141 9.30 -11.77 -8.49
C TRP A 141 9.62 -13.09 -7.77
N GLU A 142 10.24 -14.05 -8.46
CA GLU A 142 10.66 -15.26 -7.79
C GLU A 142 11.66 -14.98 -6.67
N ASN A 143 12.62 -14.07 -6.92
CA ASN A 143 13.60 -13.75 -5.89
C ASN A 143 12.94 -13.09 -4.68
N HIS A 144 12.05 -12.14 -4.95
CA HIS A 144 11.24 -11.51 -3.89
C HIS A 144 10.54 -12.57 -3.06
N LEU A 145 9.86 -13.51 -3.72
CA LEU A 145 9.13 -14.56 -2.99
C LEU A 145 10.06 -15.49 -2.24
N LYS A 146 11.30 -15.63 -2.71
CA LYS A 146 12.27 -16.41 -1.96
C LYS A 146 12.64 -15.73 -0.65
N ARG A 147 12.48 -14.41 -0.55
CA ARG A 147 12.73 -13.76 0.73
C ARG A 147 11.46 -13.27 1.44
N ASN A 148 10.38 -13.07 0.71
CA ASN A 148 9.17 -12.44 1.24
C ASN A 148 7.97 -13.19 0.68
N ASP A 149 7.27 -13.88 1.56
CA ASP A 149 6.13 -14.71 1.19
C ASP A 149 5.19 -14.68 2.38
N SER A 150 4.12 -13.89 2.28
CA SER A 150 3.19 -13.72 3.38
C SER A 150 1.85 -13.26 2.83
N ILE A 151 0.89 -13.15 3.73
CA ILE A 151 -0.43 -12.60 3.36
C ILE A 151 -0.29 -11.16 2.90
N ILE A 152 0.71 -10.43 3.43
CA ILE A 152 0.89 -9.04 3.02
C ILE A 152 1.40 -8.98 1.58
N VAL A 153 2.34 -9.85 1.22
CA VAL A 153 2.77 -9.95 -0.17
C VAL A 153 1.59 -10.29 -1.06
N ASP A 154 0.77 -11.27 -0.63
CA ASP A 154 -0.36 -11.76 -1.42
C ASP A 154 -1.39 -10.67 -1.67
N ILE A 155 -1.61 -9.78 -0.70
CA ILE A 155 -2.66 -8.79 -0.88
C ILE A 155 -2.14 -7.50 -1.52
N PHE A 156 -0.94 -7.02 -1.13
CA PHE A 156 -0.52 -5.64 -1.38
C PHE A 156 0.68 -5.49 -2.32
N HIS A 157 1.49 -6.52 -2.55
CA HIS A 157 2.76 -6.32 -3.27
C HIS A 157 2.55 -6.42 -4.78
N GLY A 158 3.04 -5.40 -5.51
CA GLY A 158 3.11 -5.45 -6.95
C GLY A 158 4.54 -5.29 -7.45
N LEU A 159 4.74 -5.19 -8.75
CA LEU A 159 6.09 -5.07 -9.31
C LEU A 159 6.12 -3.91 -10.31
N PHE A 160 7.13 -3.06 -10.19
CA PHE A 160 7.30 -1.99 -11.15
C PHE A 160 8.69 -2.07 -11.77
N LYS A 161 8.81 -1.46 -12.95
CA LYS A 161 10.05 -1.44 -13.72
C LYS A 161 10.70 -0.07 -13.60
N SER A 162 12.03 -0.07 -13.45
CA SER A 162 12.85 1.13 -13.40
C SER A 162 13.91 1.07 -14.48
N THR A 163 13.98 2.12 -15.28
CA THR A 163 14.97 2.24 -16.34
C THR A 163 15.80 3.48 -16.06
N LEU A 164 17.08 3.30 -15.81
CA LEU A 164 18.01 4.41 -15.64
C LEU A 164 18.99 4.39 -16.81
N VAL A 165 19.19 5.54 -17.44
CA VAL A 165 20.16 5.69 -18.51
C VAL A 165 21.25 6.65 -18.02
N CYS A 166 22.49 6.20 -18.10
CA CYS A 166 23.63 7.03 -17.70
C CYS A 166 23.83 8.14 -18.72
N PRO A 167 23.94 9.41 -18.29
CA PRO A 167 24.26 10.48 -19.24
C PRO A 167 25.71 10.45 -19.70
N GLU A 168 26.55 9.67 -19.03
CA GLU A 168 27.98 9.63 -19.34
C GLU A 168 28.35 8.41 -20.18
N CYS A 169 28.03 7.20 -19.70
CA CYS A 169 28.46 6.00 -20.40
C CYS A 169 27.34 5.32 -21.17
N ALA A 170 26.12 5.87 -21.14
CA ALA A 170 24.94 5.37 -21.86
C ALA A 170 24.53 3.97 -21.42
N LYS A 171 25.11 3.44 -20.35
CA LYS A 171 24.61 2.20 -19.77
C LYS A 171 23.13 2.33 -19.47
N ILE A 172 22.38 1.30 -19.82
CA ILE A 172 20.95 1.22 -19.57
C ILE A 172 20.76 0.18 -18.48
N SER A 173 20.42 0.64 -17.28
CA SER A 173 20.22 -0.24 -16.14
C SER A 173 18.71 -0.41 -15.94
N VAL A 174 18.23 -1.62 -16.12
CA VAL A 174 16.82 -1.96 -15.96
C VAL A 174 16.68 -2.87 -14.75
N THR A 175 15.76 -2.52 -13.85
CA THR A 175 15.50 -3.37 -12.70
C THR A 175 14.00 -3.47 -12.52
N PHE A 176 13.55 -4.56 -11.95
CA PHE A 176 12.17 -4.68 -11.49
C PHE A 176 12.21 -4.76 -9.97
N ASP A 177 11.31 -4.03 -9.32
CA ASP A 177 11.32 -3.89 -7.88
C ASP A 177 9.92 -4.01 -7.31
N PRO A 178 9.78 -4.63 -6.14
CA PRO A 178 8.47 -4.75 -5.51
C PRO A 178 8.00 -3.43 -4.93
N PHE A 179 6.69 -3.30 -4.81
CA PHE A 179 6.11 -2.18 -4.07
C PHE A 179 4.94 -2.70 -3.25
N CYS A 180 4.64 -2.02 -2.15
CA CYS A 180 3.42 -2.32 -1.43
C CYS A 180 2.42 -1.18 -1.50
N TYR A 181 2.77 -0.08 -2.15
CA TYR A 181 1.85 0.99 -2.52
C TYR A 181 2.57 1.91 -3.50
N LEU A 182 1.79 2.72 -4.20
CA LEU A 182 2.28 3.59 -5.26
C LEU A 182 2.21 5.03 -4.78
N THR A 183 3.35 5.71 -4.74
CA THR A 183 3.38 7.12 -4.42
C THR A 183 3.29 7.91 -5.71
N LEU A 184 2.19 8.64 -5.90
CA LEU A 184 1.93 9.36 -7.14
C LEU A 184 2.23 10.84 -6.99
N PRO A 185 3.01 11.42 -7.89
CA PRO A 185 3.15 12.87 -7.91
C PRO A 185 1.89 13.50 -8.47
N LEU A 186 1.69 14.77 -8.11
CA LEU A 186 0.46 15.46 -8.43
C LEU A 186 0.72 16.44 -9.57
N ALA A 187 -0.10 16.34 -10.63
CA ALA A 187 -0.04 17.22 -11.78
C ALA A 187 -0.78 18.51 -11.48
N SER A 190 -4.18 23.19 -8.81
CA SER A 190 -5.46 23.38 -9.54
C SER A 190 -6.35 22.14 -9.36
N LYS A 191 -6.67 21.47 -10.47
CA LYS A 191 -7.52 20.25 -10.44
C LYS A 191 -6.95 19.25 -11.45
N VAL A 192 -6.85 17.98 -11.07
CA VAL A 192 -6.31 16.96 -11.94
C VAL A 192 -7.09 15.68 -11.71
N LYS A 193 -6.97 14.76 -12.67
CA LYS A 193 -7.53 13.43 -12.54
C LYS A 193 -6.46 12.46 -12.06
N LEU A 194 -6.92 11.37 -11.43
CA LEU A 194 -5.99 10.34 -10.98
C LEU A 194 -5.14 9.79 -12.12
N LYS A 195 -5.74 9.59 -13.29
CA LYS A 195 -4.99 9.07 -14.43
C LYS A 195 -3.84 9.99 -14.81
N ASP A 196 -4.07 11.31 -14.73
CA ASP A 196 -3.01 12.26 -15.01
C ASP A 196 -1.84 12.08 -14.05
N CYS A 197 -2.13 11.81 -12.77
CA CYS A 197 -1.07 11.57 -11.79
C CYS A 197 -0.32 10.28 -12.07
N ILE A 198 -1.03 9.23 -12.48
CA ILE A 198 -0.33 7.98 -12.80
C ILE A 198 0.55 8.19 -14.04
N GLU A 199 -0.01 8.82 -15.06
CA GLU A 199 0.73 9.12 -16.26
C GLU A 199 2.01 9.88 -15.90
N LEU A 200 1.89 10.90 -15.05
CA LEU A 200 3.08 11.65 -14.64
C LEU A 200 4.05 10.76 -13.89
N PHE A 201 3.52 9.86 -13.06
CA PHE A 201 4.35 8.87 -12.36
C PHE A 201 5.17 8.03 -13.34
N THR A 202 4.66 7.78 -14.53
CA THR A 202 5.37 6.95 -15.50
C THR A 202 6.16 7.76 -16.53
N THR A 203 6.22 9.08 -16.39
CA THR A 203 6.88 9.92 -17.38
C THR A 203 8.37 10.02 -17.08
N LYS A 204 9.19 9.92 -18.12
CA LYS A 204 10.63 9.96 -17.98
C LYS A 204 11.07 11.33 -17.49
N GLU A 205 11.79 11.35 -16.38
CA GLU A 205 12.37 12.56 -15.82
C GLU A 205 13.88 12.45 -15.81
N LYS A 206 14.55 13.59 -15.65
CA LYS A 206 15.99 13.61 -15.43
C LYS A 206 16.26 13.75 -13.93
N LEU A 207 17.25 12.99 -13.44
CA LEU A 207 17.55 13.01 -12.02
C LEU A 207 18.26 14.30 -11.63
N GLY A 208 17.79 14.92 -10.56
CA GLY A 208 18.42 16.13 -10.09
C GLY A 208 19.67 15.88 -9.28
N ALA A 209 20.44 16.95 -9.07
CA ALA A 209 21.63 16.86 -8.24
C ALA A 209 21.29 16.53 -6.79
N GLU A 210 20.02 16.68 -6.40
CA GLU A 210 19.57 16.32 -5.06
C GLU A 210 19.31 14.82 -4.92
N ASP A 211 19.19 14.10 -6.04
CA ASP A 211 19.01 12.64 -6.00
C ASP A 211 19.67 12.03 -7.23
N PRO A 212 21.00 11.96 -7.23
CA PRO A 212 21.70 11.32 -8.36
C PRO A 212 21.63 9.80 -8.27
N TRP A 213 22.17 9.15 -9.29
CA TRP A 213 22.17 7.69 -9.37
C TRP A 213 23.60 7.19 -9.57
N TYR A 214 23.99 6.19 -8.79
CA TYR A 214 25.35 5.67 -8.86
C TYR A 214 25.44 4.72 -10.06
N CYS A 215 26.05 5.18 -11.15
CA CYS A 215 26.21 4.28 -12.29
C CYS A 215 27.29 3.26 -11.98
N PRO A 216 26.98 1.96 -12.00
CA PRO A 216 27.99 0.96 -11.64
C PRO A 216 29.08 0.78 -12.68
N ASN A 217 28.93 1.31 -13.89
CA ASN A 217 29.95 1.10 -14.92
C ASN A 217 31.13 2.06 -14.77
N CYS A 218 30.87 3.32 -14.42
CA CYS A 218 31.98 4.25 -14.17
C CYS A 218 32.07 4.70 -12.72
N LYS A 219 31.21 4.20 -11.84
CA LYS A 219 31.30 4.44 -10.39
C LYS A 219 31.25 5.92 -10.06
N GLU A 220 30.44 6.68 -10.79
CA GLU A 220 30.17 8.07 -10.48
C GLU A 220 28.67 8.26 -10.30
N HIS A 221 28.31 9.27 -9.51
CA HIS A 221 26.92 9.66 -9.39
C HIS A 221 26.55 10.50 -10.61
N GLN A 222 25.36 10.27 -11.13
CA GLN A 222 24.96 10.78 -12.42
C GLN A 222 23.57 11.38 -12.35
N GLN A 223 23.35 12.38 -13.19
CA GLN A 223 22.01 12.91 -13.45
C GLN A 223 21.38 12.08 -14.59
N ALA A 224 21.11 10.83 -14.23
CA ALA A 224 20.49 9.87 -15.15
C ALA A 224 19.04 10.22 -15.43
N THR A 225 18.55 9.80 -16.59
CA THR A 225 17.12 9.72 -16.81
C THR A 225 16.58 8.52 -16.06
N LYS A 226 15.40 8.69 -15.46
CA LYS A 226 14.70 7.61 -14.79
C LYS A 226 13.29 7.55 -15.35
N LYS A 227 12.84 6.35 -15.67
CA LYS A 227 11.48 6.12 -16.13
C LYS A 227 10.94 4.91 -15.38
N LEU A 228 9.78 5.06 -14.78
CA LEU A 228 9.11 3.96 -14.10
C LEU A 228 7.98 3.41 -14.98
N ASP A 229 7.76 2.11 -14.86
CA ASP A 229 6.64 1.48 -15.54
C ASP A 229 6.03 0.46 -14.60
N LEU A 230 4.73 0.26 -14.74
CA LEU A 230 4.00 -0.69 -13.91
C LEU A 230 4.04 -2.06 -14.60
N TRP A 231 4.50 -3.08 -13.88
CA TRP A 231 4.56 -4.43 -14.41
C TRP A 231 3.42 -5.30 -13.92
N SER A 232 3.20 -5.40 -12.61
CA SER A 232 2.08 -6.17 -12.08
C SER A 232 1.51 -5.48 -10.86
N LEU A 233 0.17 -5.57 -10.71
CA LEU A 233 -0.57 -4.87 -9.66
C LEU A 233 -1.15 -5.86 -8.65
N PRO A 234 -1.21 -5.50 -7.37
CA PRO A 234 -1.70 -6.44 -6.36
C PRO A 234 -3.22 -6.47 -6.32
N PRO A 235 -3.79 -7.52 -5.71
CA PRO A 235 -5.23 -7.50 -5.39
C PRO A 235 -5.71 -6.22 -4.74
N VAL A 236 -4.94 -5.63 -3.84
CA VAL A 236 -5.30 -4.36 -3.21
C VAL A 236 -4.24 -3.34 -3.54
N LEU A 237 -4.61 -2.36 -4.35
CA LEU A 237 -3.71 -1.31 -4.81
C LEU A 237 -3.88 -0.08 -3.93
N VAL A 238 -2.83 0.26 -3.21
CA VAL A 238 -2.86 1.42 -2.34
C VAL A 238 -2.13 2.56 -3.05
N VAL A 239 -2.79 3.71 -3.14
CA VAL A 239 -2.35 4.85 -3.94
C VAL A 239 -2.17 6.04 -3.00
N HIS A 240 -0.93 6.43 -2.78
CA HIS A 240 -0.56 7.55 -1.93
C HIS A 240 -0.36 8.78 -2.80
N LEU A 241 -1.21 9.80 -2.63
CA LEU A 241 -1.04 11.07 -3.32
C LEU A 241 -0.02 11.92 -2.56
N LYS A 242 1.07 12.28 -3.24
CA LYS A 242 2.22 12.91 -2.60
C LYS A 242 1.90 14.38 -2.33
N ARG A 243 1.26 14.65 -1.20
CA ARG A 243 0.94 16.03 -0.87
C ARG A 243 2.01 16.69 0.00
N PHE A 244 2.80 15.92 0.73
CA PHE A 244 3.88 16.45 1.54
C PHE A 244 5.21 16.14 0.86
N SER A 245 6.02 17.17 0.65
CA SER A 245 7.32 17.03 -0.02
C SER A 245 7.18 16.31 -1.35
N ASP A 252 5.24 23.22 1.86
CA ASP A 252 4.05 22.85 2.60
C ASP A 252 3.22 21.86 1.78
N LYS A 253 1.99 21.62 2.22
CA LYS A 253 1.12 20.63 1.61
C LYS A 253 0.50 21.16 0.32
N LEU A 254 0.43 20.30 -0.68
CA LEU A 254 -0.31 20.59 -1.91
C LEU A 254 -1.78 20.22 -1.69
N ASP A 255 -2.68 21.18 -1.85
CA ASP A 255 -4.11 20.95 -1.64
C ASP A 255 -4.84 20.67 -2.94
N THR A 256 -4.11 20.29 -3.99
CA THR A 256 -4.69 19.96 -5.28
C THR A 256 -5.91 19.04 -5.13
N LEU A 257 -6.98 19.36 -5.86
CA LEU A 257 -8.11 18.44 -5.97
C LEU A 257 -7.75 17.38 -6.99
N VAL A 258 -7.61 16.13 -6.54
CA VAL A 258 -7.38 15.00 -7.43
C VAL A 258 -8.70 14.24 -7.55
N ASP A 259 -9.27 14.24 -8.76
CA ASP A 259 -10.48 13.49 -9.05
C ASP A 259 -10.11 12.05 -9.37
N PHE A 260 -10.72 11.11 -8.65
CA PHE A 260 -10.47 9.69 -8.80
C PHE A 260 -11.80 8.94 -8.85
N PRO A 261 -11.82 7.76 -9.45
CA PRO A 261 -13.10 7.05 -9.58
C PRO A 261 -13.42 6.25 -8.33
N ILE A 262 -14.74 6.18 -8.04
CA ILE A 262 -15.23 5.26 -7.01
C ILE A 262 -15.21 3.83 -7.53
N ASN A 263 -15.66 3.63 -8.76
CA ASN A 263 -15.82 2.31 -9.35
C ASN A 263 -15.07 2.27 -10.66
N ASP A 264 -14.59 1.07 -11.02
CA ASP A 264 -14.18 0.76 -12.39
C ASP A 264 -12.94 1.56 -12.83
N LEU A 265 -11.98 1.73 -11.92
CA LEU A 265 -10.66 2.22 -12.32
C LEU A 265 -9.98 1.13 -13.14
N ASP A 266 -9.74 1.42 -14.43
CA ASP A 266 -9.13 0.47 -15.35
C ASP A 266 -7.64 0.82 -15.49
N MET A 267 -6.79 -0.02 -14.94
CA MET A 267 -5.36 0.26 -14.95
C MET A 267 -4.66 -0.33 -16.17
N SER A 268 -5.40 -0.97 -17.07
CA SER A 268 -4.78 -1.79 -18.11
C SER A 268 -3.94 -0.96 -19.06
N GLU A 269 -4.33 0.29 -19.31
CA GLU A 269 -3.56 1.14 -20.22
C GLU A 269 -2.19 1.51 -19.66
N PHE A 270 -1.98 1.37 -18.36
CA PHE A 270 -0.70 1.74 -17.74
C PHE A 270 0.24 0.55 -17.55
N LEU A 271 -0.25 -0.67 -17.69
CA LEU A 271 0.57 -1.85 -17.49
C LEU A 271 1.35 -2.17 -18.75
N ILE A 272 2.60 -2.58 -18.59
CA ILE A 272 3.39 -2.99 -19.77
C ILE A 272 3.50 -4.50 -19.88
N ASN A 273 3.09 -5.24 -18.87
CA ASN A 273 3.00 -6.69 -18.89
C ASN A 273 1.81 -7.12 -19.74
N PRO A 274 2.02 -7.77 -20.88
CA PRO A 274 0.87 -8.20 -21.70
C PRO A 274 0.10 -9.36 -21.11
N ASN A 275 0.60 -10.01 -20.06
CA ASN A 275 -0.07 -11.13 -19.43
C ASN A 275 -0.74 -10.75 -18.13
N ALA A 276 -0.79 -9.47 -17.79
CA ALA A 276 -1.63 -9.04 -16.71
C ALA A 276 -3.09 -9.28 -17.07
N GLY A 277 -3.93 -9.41 -16.04
CA GLY A 277 -5.32 -9.76 -16.24
C GLY A 277 -6.16 -8.57 -16.64
N PRO A 278 -7.44 -8.57 -16.25
CA PRO A 278 -8.30 -7.42 -16.55
C PRO A 278 -7.90 -6.16 -15.82
N CYS A 279 -7.47 -6.27 -14.56
CA CYS A 279 -7.01 -5.16 -13.74
C CYS A 279 -8.02 -3.99 -13.70
N ARG A 280 -9.26 -4.30 -13.36
CA ARG A 280 -10.24 -3.28 -13.00
C ARG A 280 -10.35 -3.23 -11.49
N TYR A 281 -10.52 -2.02 -10.95
CA TYR A 281 -10.49 -1.80 -9.51
C TYR A 281 -11.67 -0.94 -9.07
N ASN A 282 -12.15 -1.20 -7.86
CA ASN A 282 -13.19 -0.42 -7.18
C ASN A 282 -12.64 0.10 -5.86
N LEU A 283 -12.93 1.36 -5.56
CA LEU A 283 -12.45 1.99 -4.34
C LEU A 283 -13.06 1.30 -3.12
N ILE A 284 -12.25 1.09 -2.08
CA ILE A 284 -12.77 0.54 -0.83
C ILE A 284 -12.48 1.41 0.38
N ALA A 285 -11.48 2.30 0.32
CA ALA A 285 -11.23 3.16 1.48
C ALA A 285 -10.39 4.35 1.04
N VAL A 286 -10.50 5.42 1.81
CA VAL A 286 -9.80 6.67 1.58
C VAL A 286 -9.36 7.22 2.92
N SER A 287 -8.06 7.42 3.09
CA SER A 287 -7.54 8.19 4.21
C SER A 287 -7.51 9.66 3.82
N ASN A 288 -8.08 10.51 4.68
CA ASN A 288 -8.17 11.95 4.49
C ASN A 288 -7.24 12.66 5.47
N HIS A 289 -6.71 13.79 5.03
CA HIS A 289 -5.96 14.69 5.89
C HIS A 289 -6.48 16.11 5.71
N TYR A 290 -6.71 16.79 6.84
CA TYR A 290 -7.24 18.14 6.88
C TYR A 290 -6.26 19.05 7.58
N GLY A 291 -6.15 20.28 7.06
CA GLY A 291 -5.56 21.40 7.76
C GLY A 291 -4.16 21.24 8.31
N GLY A 292 -3.27 20.65 7.52
CA GLY A 292 -1.90 20.46 7.97
C GLY A 292 -1.00 21.65 7.72
N GLY A 295 -2.64 22.24 12.72
CA GLY A 295 -3.89 21.59 13.08
C GLY A 295 -4.27 20.46 12.14
N GLY A 296 -3.29 19.62 11.81
CA GLY A 296 -3.53 18.52 10.89
C GLY A 296 -4.27 17.37 11.57
N HIS A 297 -5.20 16.77 10.82
CA HIS A 297 -6.00 15.69 11.36
C HIS A 297 -6.37 14.72 10.24
N TYR A 298 -6.32 13.43 10.53
CA TYR A 298 -6.67 12.41 9.57
C TYR A 298 -7.98 11.71 9.93
N THR A 299 -8.71 11.30 8.90
CA THR A 299 -9.95 10.53 9.05
C THR A 299 -9.99 9.49 7.95
N ALA A 300 -11.09 8.74 7.87
CA ALA A 300 -11.21 7.78 6.77
C ALA A 300 -12.64 7.67 6.27
N PHE A 301 -12.80 7.52 4.96
CA PHE A 301 -13.99 6.91 4.38
C PHE A 301 -13.69 5.42 4.20
N ALA A 302 -14.68 4.58 4.45
CA ALA A 302 -14.49 3.18 4.13
C ALA A 302 -15.81 2.53 3.79
N LYS A 303 -15.75 1.57 2.87
CA LYS A 303 -16.90 0.77 2.49
C LYS A 303 -16.97 -0.48 3.37
N ASN A 304 -18.11 -0.71 4.01
CA ASN A 304 -18.23 -1.85 4.90
C ASN A 304 -18.53 -3.12 4.10
N LYS A 305 -17.79 -4.19 4.39
CA LYS A 305 -17.87 -5.38 3.54
C LYS A 305 -19.17 -6.14 3.70
N ASP A 306 -19.96 -5.86 4.72
CA ASP A 306 -21.17 -6.64 4.96
C ASP A 306 -22.41 -6.02 4.37
N ASP A 307 -22.55 -4.68 4.41
CA ASP A 307 -23.68 -4.01 3.77
C ASP A 307 -23.31 -3.24 2.51
N GLY A 308 -22.02 -3.14 2.17
CA GLY A 308 -21.59 -2.41 0.99
C GLY A 308 -21.80 -0.91 1.05
N LYS A 309 -22.13 -0.34 2.21
CA LYS A 309 -22.32 1.09 2.31
C LYS A 309 -21.04 1.77 2.78
N TRP A 310 -20.98 3.09 2.52
CA TRP A 310 -19.84 3.93 2.87
C TRP A 310 -20.05 4.59 4.23
N TYR A 311 -18.98 4.70 4.98
CA TYR A 311 -19.00 5.25 6.34
C TYR A 311 -17.80 6.14 6.51
N TYR A 312 -17.93 7.07 7.45
CA TYR A 312 -16.91 8.05 7.77
C TYR A 312 -16.42 7.79 9.19
N PHE A 313 -15.12 7.57 9.34
CA PHE A 313 -14.50 7.18 10.60
C PHE A 313 -13.61 8.32 11.07
N ASP A 314 -14.01 8.95 12.16
CA ASP A 314 -13.28 10.08 12.76
C ASP A 314 -12.97 9.71 14.21
N ASP A 315 -11.81 9.10 14.41
CA ASP A 315 -11.39 8.56 15.72
C ASP A 315 -12.55 7.73 16.27
N SER A 316 -13.16 8.10 17.39
CA SER A 316 -14.16 7.20 17.95
C SER A 316 -15.50 7.27 17.22
N SER A 317 -15.72 8.29 16.39
CA SER A 317 -17.01 8.54 15.76
C SER A 317 -17.11 7.80 14.43
N VAL A 318 -18.23 7.13 14.23
CA VAL A 318 -18.53 6.49 12.96
C VAL A 318 -19.87 7.03 12.48
N SER A 319 -19.95 7.42 11.20
CA SER A 319 -21.22 7.92 10.70
C SER A 319 -21.43 7.45 9.27
N THR A 320 -22.69 7.50 8.83
CA THR A 320 -22.96 7.13 7.45
C THR A 320 -22.44 8.20 6.51
N ALA A 321 -22.07 7.76 5.30
CA ALA A 321 -21.52 8.64 4.29
C ALA A 321 -22.12 8.24 2.95
N SER A 322 -21.97 9.12 1.95
CA SER A 322 -22.35 8.83 0.58
C SER A 322 -21.17 9.02 -0.35
N GLU A 323 -21.17 8.26 -1.45
CA GLU A 323 -20.07 8.29 -2.41
C GLU A 323 -19.75 9.68 -2.89
N ASP A 324 -20.74 10.56 -2.96
CA ASP A 324 -20.53 11.87 -3.56
C ASP A 324 -19.77 12.84 -2.68
N GLN A 325 -19.35 12.45 -1.47
CA GLN A 325 -18.47 13.30 -0.67
C GLN A 325 -17.06 12.73 -0.56
N ILE A 326 -16.82 11.55 -1.15
CA ILE A 326 -15.53 10.89 -1.01
C ILE A 326 -14.42 11.69 -1.68
N VAL A 327 -14.66 12.19 -2.89
CA VAL A 327 -13.64 12.89 -3.67
C VAL A 327 -13.52 14.31 -3.11
N SER A 328 -12.39 14.62 -2.48
CA SER A 328 -12.21 15.97 -1.96
C SER A 328 -10.73 16.29 -1.94
N LYS A 329 -10.42 17.59 -1.75
CA LYS A 329 -9.04 18.00 -1.60
C LYS A 329 -8.34 17.30 -0.45
N ALA A 330 -9.11 16.76 0.50
CA ALA A 330 -8.56 16.11 1.68
C ALA A 330 -8.09 14.69 1.41
N ALA A 331 -8.54 14.08 0.32
CA ALA A 331 -8.15 12.71 0.02
C ALA A 331 -6.65 12.59 -0.14
N TYR A 332 -6.07 11.60 0.53
CA TYR A 332 -4.62 11.48 0.70
C TYR A 332 -4.13 10.07 0.36
N VAL A 333 -4.76 9.02 0.87
CA VAL A 333 -4.40 7.66 0.49
C VAL A 333 -5.66 6.94 0.02
N LEU A 334 -5.59 6.29 -1.15
CA LEU A 334 -6.72 5.58 -1.73
C LEU A 334 -6.46 4.08 -1.72
N PHE A 335 -7.42 3.29 -1.24
CA PHE A 335 -7.35 1.83 -1.30
C PHE A 335 -8.35 1.36 -2.34
N TYR A 336 -7.84 0.64 -3.35
CA TYR A 336 -8.60 0.03 -4.43
C TYR A 336 -8.45 -1.49 -4.35
N GLN A 337 -9.53 -2.22 -4.60
CA GLN A 337 -9.48 -3.69 -4.62
C GLN A 337 -9.84 -4.18 -6.02
N ARG A 338 -9.05 -5.12 -6.50
CA ARG A 338 -9.23 -5.60 -7.87
C ARG A 338 -10.48 -6.45 -7.97
N GLN A 339 -11.28 -6.20 -9.01
CA GLN A 339 -12.60 -6.83 -9.13
C GLN A 339 -12.50 -8.34 -9.15
N ASP A 340 -11.48 -8.90 -9.80
CA ASP A 340 -11.41 -10.36 -9.85
C ASP A 340 -10.98 -10.99 -8.53
N THR A 341 -10.60 -10.20 -7.52
CA THR A 341 -10.23 -10.73 -6.21
C THR A 341 -11.34 -10.57 -5.17
N PHE A 342 -12.48 -9.99 -5.55
CA PHE A 342 -13.56 -9.79 -4.60
C PHE A 342 -13.99 -11.12 -3.98
N SER A 343 -14.17 -11.12 -2.67
CA SER A 343 -14.65 -12.31 -1.99
C SER A 343 -16.09 -12.59 -2.39
N GLY A 344 -16.37 -13.83 -2.78
CA GLY A 344 -17.73 -14.27 -2.98
C GLY A 344 -18.35 -13.97 -4.32
N THR A 345 -17.66 -13.25 -5.21
CA THR A 345 -18.19 -13.02 -6.55
C THR A 345 -17.14 -13.35 -7.60
N GLY A 346 -17.59 -13.96 -8.69
CA GLY A 346 -16.70 -14.37 -9.76
C GLY A 346 -16.96 -13.67 -11.07
N PHE A 347 -15.95 -12.95 -11.58
CA PHE A 347 -16.07 -12.17 -12.80
C PHE A 347 -15.74 -13.01 -14.04
ZN ZN B . 27.97 5.28 -16.58
#